data_2YNN
#
_entry.id   2YNN
#
_cell.length_a   129.160
_cell.length_b   129.160
_cell.length_c   60.030
_cell.angle_alpha   90.00
_cell.angle_beta   90.00
_cell.angle_gamma   120.00
#
_symmetry.space_group_name_H-M   'P 61'
#
loop_
_entity.id
_entity.type
_entity.pdbx_description
1 polymer "COATOMER SUBUNIT BETA'"
2 polymer 'KTKTN MOTIF'
3 non-polymer 'SULFATE ION'
4 water water
#
loop_
_entity_poly.entity_id
_entity_poly.type
_entity_poly.pdbx_seq_one_letter_code
_entity_poly.pdbx_strand_id
1 'polypeptide(L)'
;MKLDIKKTFSNRSDRVKGIDFHPTEPWVLTTLYSGRVELWNYETQVEVRSIQVTETPVRAGKFIARKNWIIVGSDDFRIR
VFNYNTGEKVVDFEAHPDYIRSIAVHPTKPYVLSGSDDLTVKLWNWENNWALEQTFEGHEHFVMCVAFNPKDPSTFASGC
LDRTVKVWSLGQSTPNFTLTTGQERGVNYVDYYPLPDKPYMITASDDLTIKIWDYQTKSCVATLEGHMSNVSFAVFHPTL
PIIISGSEDGTLKIWNSSTYKVEKTLNVGLERSWCIATHPTGRKNYIASGFDNGFTVLSLGNDE
;
A
2 'polypeptide(L)' CTFKTKTN P
#
loop_
_chem_comp.id
_chem_comp.type
_chem_comp.name
_chem_comp.formula
SO4 non-polymer 'SULFATE ION' 'O4 S -2'
#
# COMPACT_ATOMS: atom_id res chain seq x y z
N LYS A 2 6.63 11.49 22.83
CA LYS A 2 6.89 12.57 21.88
C LYS A 2 5.66 12.82 21.01
N LEU A 3 4.73 11.88 21.02
CA LEU A 3 3.60 11.88 20.09
C LEU A 3 2.28 12.18 20.78
N ASP A 4 1.60 13.21 20.31
CA ASP A 4 0.26 13.52 20.77
C ASP A 4 -0.74 13.03 19.74
N ILE A 5 -1.08 11.74 19.83
CA ILE A 5 -1.95 11.12 18.83
C ILE A 5 -3.41 11.46 19.08
N LYS A 6 -4.10 11.95 18.05
CA LYS A 6 -5.51 12.29 18.16
C LYS A 6 -6.34 11.55 17.12
N LYS A 7 -7.52 11.09 17.52
CA LYS A 7 -8.43 10.48 16.55
C LYS A 7 -9.16 11.56 15.77
N THR A 8 -8.88 11.64 14.48
CA THR A 8 -9.50 12.64 13.63
C THR A 8 -10.89 12.18 13.20
N PHE A 9 -10.96 10.94 12.71
CA PHE A 9 -12.20 10.39 12.18
C PHE A 9 -12.11 8.87 12.14
N SER A 10 -13.19 8.22 12.56
CA SER A 10 -13.28 6.77 12.42
CA SER A 10 -13.29 6.77 12.42
C SER A 10 -14.62 6.47 11.78
N ASN A 11 -14.62 5.52 10.84
CA ASN A 11 -15.84 5.14 10.13
C ASN A 11 -15.99 3.63 10.09
N ARG A 12 -17.16 3.13 10.48
CA ARG A 12 -17.43 1.70 10.42
C ARG A 12 -17.93 1.32 9.03
N SER A 13 -17.35 0.25 8.46
CA SER A 13 -17.73 -0.23 7.14
C SER A 13 -17.31 -1.69 6.99
N ASP A 14 -17.65 -2.28 5.85
CA ASP A 14 -17.08 -3.56 5.46
C ASP A 14 -15.56 -3.44 5.37
N ARG A 15 -14.88 -4.59 5.38
CA ARG A 15 -13.41 -4.67 5.43
C ARG A 15 -12.71 -3.75 4.44
N VAL A 16 -11.83 -2.90 4.95
CA VAL A 16 -11.07 -1.98 4.10
C VAL A 16 -9.74 -2.59 3.70
N LYS A 17 -9.54 -2.78 2.39
CA LYS A 17 -8.33 -3.43 1.87
C LYS A 17 -7.30 -2.46 1.33
N GLY A 18 -7.76 -1.32 0.83
CA GLY A 18 -6.86 -0.29 0.31
C GLY A 18 -7.24 1.09 0.84
N ILE A 19 -6.26 1.97 1.00
CA ILE A 19 -6.50 3.30 1.55
C ILE A 19 -5.43 4.27 1.01
N ASP A 20 -5.82 5.53 0.79
CA ASP A 20 -4.86 6.53 0.28
C ASP A 20 -5.33 7.94 0.64
N PHE A 21 -4.38 8.85 0.87
CA PHE A 21 -4.71 10.26 1.12
C PHE A 21 -4.62 11.07 -0.16
N HIS A 22 -5.54 12.01 -0.34
CA HIS A 22 -5.41 13.03 -1.38
C HIS A 22 -4.41 14.07 -0.89
N PRO A 23 -3.52 14.54 -1.79
CA PRO A 23 -2.47 15.47 -1.36
C PRO A 23 -2.93 16.91 -1.04
N THR A 24 -4.06 17.34 -1.59
CA THR A 24 -4.49 18.74 -1.39
C THR A 24 -5.90 18.91 -0.82
N GLU A 25 -6.77 17.93 -1.05
CA GLU A 25 -8.10 17.91 -0.43
C GLU A 25 -8.02 17.05 0.82
N PRO A 26 -8.82 17.36 1.85
CA PRO A 26 -8.80 16.58 3.10
C PRO A 26 -9.58 15.28 2.94
N TRP A 27 -9.17 14.45 2.00
CA TRP A 27 -9.89 13.23 1.68
C TRP A 27 -9.03 11.98 1.87
N VAL A 28 -9.69 10.87 2.22
CA VAL A 28 -9.11 9.56 2.03
C VAL A 28 -9.98 8.75 1.08
N LEU A 29 -9.33 7.90 0.29
CA LEU A 29 -9.99 6.92 -0.54
C LEU A 29 -9.90 5.59 0.21
N THR A 30 -11.00 4.82 0.26
CA THR A 30 -10.94 3.46 0.79
C THR A 30 -11.50 2.48 -0.25
N THR A 31 -10.90 1.30 -0.35
CA THR A 31 -11.42 0.28 -1.25
C THR A 31 -11.77 -0.93 -0.41
N LEU A 32 -12.97 -1.47 -0.62
CA LEU A 32 -13.53 -2.44 0.31
C LEU A 32 -13.58 -3.86 -0.26
N TYR A 33 -13.63 -4.83 0.65
CA TYR A 33 -13.68 -6.24 0.29
C TYR A 33 -15.02 -6.57 -0.39
N SER A 34 -16.00 -5.69 -0.21
CA SER A 34 -17.34 -5.82 -0.77
C SER A 34 -17.43 -5.34 -2.23
N GLY A 35 -16.38 -4.71 -2.74
CA GLY A 35 -16.40 -4.20 -4.10
C GLY A 35 -16.74 -2.73 -4.21
N ARG A 36 -17.02 -2.13 -3.05
CA ARG A 36 -17.34 -0.72 -3.00
CA ARG A 36 -17.34 -0.72 -3.00
C ARG A 36 -16.07 0.10 -2.79
N VAL A 37 -16.04 1.30 -3.35
CA VAL A 37 -14.97 2.22 -3.04
CA VAL A 37 -14.97 2.25 -3.12
C VAL A 37 -15.58 3.54 -2.58
N GLU A 38 -14.94 4.16 -1.59
CA GLU A 38 -15.51 5.36 -0.96
C GLU A 38 -14.50 6.48 -0.86
N LEU A 39 -15.00 7.71 -0.97
CA LEU A 39 -14.17 8.90 -0.76
CA LEU A 39 -14.19 8.91 -0.78
C LEU A 39 -14.75 9.66 0.41
N TRP A 40 -13.94 9.87 1.44
CA TRP A 40 -14.39 10.55 2.65
C TRP A 40 -13.63 11.83 2.91
N ASN A 41 -14.34 12.88 3.29
CA ASN A 41 -13.70 14.08 3.85
C ASN A 41 -13.56 13.84 5.36
N TYR A 42 -12.34 13.65 5.83
CA TYR A 42 -12.15 13.27 7.24
C TYR A 42 -12.18 14.48 8.16
N GLU A 43 -12.17 15.67 7.59
CA GLU A 43 -12.26 16.89 8.41
C GLU A 43 -13.71 17.28 8.71
N THR A 44 -14.58 17.19 7.70
CA THR A 44 -16.00 17.42 7.92
C THR A 44 -16.79 16.13 8.26
N GLN A 45 -16.13 14.97 8.09
CA GLN A 45 -16.73 13.66 8.35
C GLN A 45 -17.93 13.35 7.47
N VAL A 46 -17.80 13.72 6.20
CA VAL A 46 -18.84 13.56 5.20
C VAL A 46 -18.32 12.69 4.07
N GLU A 47 -19.14 11.73 3.62
CA GLU A 47 -18.78 10.93 2.45
C GLU A 47 -18.92 11.80 1.20
N VAL A 48 -17.83 11.95 0.46
CA VAL A 48 -17.79 12.78 -0.75
C VAL A 48 -18.43 12.05 -1.93
N ARG A 49 -18.09 10.77 -2.06
CA ARG A 49 -18.58 9.97 -3.18
C ARG A 49 -18.43 8.50 -2.81
N SER A 50 -19.32 7.66 -3.32
CA SER A 50 -19.13 6.22 -3.21
C SER A 50 -19.50 5.57 -4.53
N ILE A 51 -18.81 4.48 -4.87
CA ILE A 51 -19.05 3.79 -6.13
C ILE A 51 -19.05 2.29 -5.88
N GLN A 52 -20.10 1.58 -6.29
CA GLN A 52 -20.05 0.12 -6.27
C GLN A 52 -19.34 -0.32 -7.54
N VAL A 53 -18.06 -0.64 -7.41
CA VAL A 53 -17.20 -0.86 -8.56
C VAL A 53 -17.40 -2.26 -9.17
N THR A 54 -17.60 -3.23 -8.29
CA THR A 54 -17.64 -4.64 -8.68
C THR A 54 -18.22 -5.42 -7.51
N GLU A 55 -18.46 -6.72 -7.67
CA GLU A 55 -18.89 -7.52 -6.52
C GLU A 55 -17.70 -8.22 -5.84
N THR A 56 -16.52 -8.16 -6.45
CA THR A 56 -15.33 -8.79 -5.89
C THR A 56 -14.56 -7.82 -4.99
N PRO A 57 -13.63 -8.33 -4.17
CA PRO A 57 -12.83 -7.37 -3.40
C PRO A 57 -12.02 -6.42 -4.28
N VAL A 58 -11.90 -5.17 -3.82
CA VAL A 58 -11.03 -4.19 -4.46
C VAL A 58 -9.84 -4.00 -3.51
N ARG A 59 -8.70 -4.60 -3.84
CA ARG A 59 -7.57 -4.64 -2.90
C ARG A 59 -6.69 -3.43 -2.97
N ALA A 60 -6.75 -2.74 -4.10
CA ALA A 60 -5.79 -1.66 -4.34
C ALA A 60 -6.49 -0.39 -4.80
N GLY A 61 -6.06 0.76 -4.28
CA GLY A 61 -6.63 2.04 -4.70
C GLY A 61 -5.68 3.19 -4.43
N LYS A 62 -5.52 4.06 -5.43
CA LYS A 62 -4.68 5.26 -5.27
C LYS A 62 -5.34 6.46 -5.93
N PHE A 63 -5.06 7.64 -5.38
CA PHE A 63 -5.38 8.88 -6.10
C PHE A 63 -4.34 9.11 -7.18
N ILE A 64 -4.80 9.64 -8.31
CA ILE A 64 -3.90 10.28 -9.27
C ILE A 64 -4.38 11.72 -9.31
N ALA A 65 -3.95 12.51 -8.33
CA ALA A 65 -4.52 13.83 -8.09
C ALA A 65 -4.32 14.78 -9.26
N ARG A 66 -3.20 14.65 -9.96
CA ARG A 66 -2.90 15.57 -11.05
C ARG A 66 -3.83 15.37 -12.26
N LYS A 67 -4.58 14.26 -12.24
CA LYS A 67 -5.54 13.96 -13.30
C LYS A 67 -6.98 13.94 -12.78
N ASN A 68 -7.17 14.27 -11.50
CA ASN A 68 -8.47 14.18 -10.83
C ASN A 68 -9.06 12.78 -10.87
N TRP A 69 -8.20 11.76 -10.76
CA TRP A 69 -8.66 10.39 -10.87
C TRP A 69 -8.44 9.58 -9.60
N ILE A 70 -9.19 8.50 -9.48
CA ILE A 70 -8.78 7.41 -8.60
C ILE A 70 -8.56 6.21 -9.50
N ILE A 71 -7.61 5.36 -9.13
CA ILE A 71 -7.39 4.13 -9.88
C ILE A 71 -7.49 2.96 -8.89
N VAL A 72 -8.21 1.93 -9.28
CA VAL A 72 -8.46 0.79 -8.38
C VAL A 72 -8.25 -0.54 -9.09
N GLY A 73 -7.85 -1.55 -8.34
CA GLY A 73 -7.61 -2.88 -8.87
C GLY A 73 -8.37 -3.91 -8.05
N SER A 74 -8.98 -4.89 -8.71
CA SER A 74 -9.89 -5.79 -8.01
C SER A 74 -9.68 -7.26 -8.38
N ASP A 75 -10.31 -8.14 -7.59
CA ASP A 75 -10.14 -9.58 -7.74
C ASP A 75 -10.77 -10.16 -9.00
N ASP A 76 -11.55 -9.36 -9.71
CA ASP A 76 -12.09 -9.76 -11.00
C ASP A 76 -11.09 -9.52 -12.14
N PHE A 77 -9.87 -9.16 -11.76
CA PHE A 77 -8.70 -9.03 -12.66
C PHE A 77 -8.59 -7.66 -13.31
N ARG A 78 -9.44 -6.73 -12.92
CA ARG A 78 -9.56 -5.48 -13.68
C ARG A 78 -8.98 -4.27 -12.96
N ILE A 79 -8.41 -3.36 -13.75
CA ILE A 79 -8.05 -2.04 -13.28
C ILE A 79 -9.12 -1.09 -13.81
N ARG A 80 -9.64 -0.22 -12.94
CA ARG A 80 -10.61 0.77 -13.36
C ARG A 80 -10.18 2.13 -12.87
N VAL A 81 -10.48 3.16 -13.65
CA VAL A 81 -10.14 4.52 -13.28
C VAL A 81 -11.41 5.34 -13.33
N PHE A 82 -11.61 6.19 -12.31
CA PHE A 82 -12.78 7.06 -12.22
C PHE A 82 -12.35 8.50 -11.99
N ASN A 83 -13.06 9.44 -12.60
CA ASN A 83 -12.84 10.84 -12.30
C ASN A 83 -13.59 11.14 -11.01
N TYR A 84 -12.90 11.67 -10.00
CA TYR A 84 -13.57 11.84 -8.72
C TYR A 84 -14.45 13.08 -8.65
N ASN A 85 -14.26 14.02 -9.59
CA ASN A 85 -15.13 15.19 -9.63
C ASN A 85 -16.50 14.89 -10.22
N THR A 86 -16.55 14.03 -11.23
CA THR A 86 -17.80 13.73 -11.92
C THR A 86 -18.32 12.33 -11.65
N GLY A 87 -17.47 11.46 -11.11
CA GLY A 87 -17.84 10.07 -10.92
C GLY A 87 -17.70 9.20 -12.16
N GLU A 88 -17.38 9.81 -13.29
CA GLU A 88 -17.33 9.10 -14.57
C GLU A 88 -16.22 8.05 -14.62
N LYS A 89 -16.55 6.85 -15.09
CA LYS A 89 -15.50 5.85 -15.33
C LYS A 89 -14.68 6.31 -16.54
N VAL A 90 -13.38 6.24 -16.39
CA VAL A 90 -12.42 6.73 -17.38
C VAL A 90 -11.91 5.60 -18.26
N VAL A 91 -11.59 4.47 -17.63
CA VAL A 91 -11.16 3.28 -18.35
C VAL A 91 -11.42 2.06 -17.49
N ASP A 92 -11.53 0.89 -18.12
CA ASP A 92 -11.86 -0.36 -17.45
C ASP A 92 -11.24 -1.47 -18.28
N PHE A 93 -10.18 -2.10 -17.78
CA PHE A 93 -9.52 -3.15 -18.56
C PHE A 93 -9.06 -4.33 -17.73
N GLU A 94 -8.98 -5.50 -18.36
CA GLU A 94 -8.38 -6.65 -17.69
C GLU A 94 -6.86 -6.48 -17.67
N ALA A 95 -6.29 -6.42 -16.47
CA ALA A 95 -4.88 -6.14 -16.30
C ALA A 95 -4.06 -7.42 -16.14
N HIS A 96 -4.62 -8.39 -15.42
CA HIS A 96 -3.91 -9.65 -15.12
C HIS A 96 -4.93 -10.77 -15.14
N PRO A 97 -4.47 -12.02 -15.32
CA PRO A 97 -5.42 -13.13 -15.22
C PRO A 97 -5.59 -13.64 -13.79
N ASP A 98 -5.36 -12.79 -12.79
CA ASP A 98 -5.47 -13.20 -11.39
C ASP A 98 -5.60 -11.94 -10.53
N TYR A 99 -5.68 -12.12 -9.21
CA TYR A 99 -5.92 -10.99 -8.30
C TYR A 99 -4.87 -9.89 -8.47
N ILE A 100 -5.30 -8.65 -8.34
CA ILE A 100 -4.39 -7.50 -8.28
C ILE A 100 -4.19 -7.13 -6.80
N ARG A 101 -2.95 -7.16 -6.33
CA ARG A 101 -2.66 -6.89 -4.91
C ARG A 101 -2.31 -5.44 -4.61
N SER A 102 -1.74 -4.74 -5.58
CA SER A 102 -1.10 -3.47 -5.28
C SER A 102 -0.99 -2.62 -6.53
N ILE A 103 -1.17 -1.32 -6.38
CA ILE A 103 -0.99 -0.36 -7.47
C ILE A 103 -0.10 0.78 -6.98
N ALA A 104 0.87 1.19 -7.79
CA ALA A 104 1.68 2.38 -7.49
C ALA A 104 1.63 3.34 -8.68
N VAL A 105 1.65 4.64 -8.38
CA VAL A 105 1.54 5.67 -9.42
C VAL A 105 2.85 6.48 -9.48
N HIS A 106 3.43 6.58 -10.67
CA HIS A 106 4.69 7.30 -10.83
C HIS A 106 4.45 8.78 -10.50
N PRO A 107 5.38 9.42 -9.79
CA PRO A 107 5.12 10.80 -9.35
C PRO A 107 5.13 11.84 -10.49
N THR A 108 5.84 11.58 -11.59
CA THR A 108 5.92 12.58 -12.65
C THR A 108 5.57 12.09 -14.07
N LYS A 109 5.72 10.80 -14.31
CA LYS A 109 5.40 10.21 -15.62
C LYS A 109 4.02 9.53 -15.57
N PRO A 110 3.36 9.40 -16.72
CA PRO A 110 2.00 8.85 -16.74
C PRO A 110 2.00 7.34 -16.66
N TYR A 111 2.65 6.79 -15.65
CA TYR A 111 2.81 5.35 -15.54
C TYR A 111 2.20 4.84 -14.25
N VAL A 112 1.61 3.65 -14.32
CA VAL A 112 1.11 2.94 -13.15
CA VAL A 112 1.17 2.96 -13.11
C VAL A 112 1.69 1.53 -13.14
N LEU A 113 2.03 1.02 -11.96
CA LEU A 113 2.47 -0.36 -11.82
C LEU A 113 1.38 -1.13 -11.12
N SER A 114 1.14 -2.36 -11.55
CA SER A 114 0.25 -3.25 -10.80
C SER A 114 0.99 -4.54 -10.47
N GLY A 115 0.82 -5.02 -9.24
CA GLY A 115 1.43 -6.28 -8.83
C GLY A 115 0.33 -7.31 -8.65
N SER A 116 0.58 -8.54 -9.10
CA SER A 116 -0.50 -9.52 -9.20
C SER A 116 -0.12 -10.93 -8.70
N ASP A 117 -1.14 -11.72 -8.38
CA ASP A 117 -0.97 -13.15 -8.10
C ASP A 117 -0.52 -13.93 -9.33
N ASP A 118 -0.58 -13.31 -10.50
CA ASP A 118 -0.07 -13.96 -11.72
C ASP A 118 1.47 -13.97 -11.81
N LEU A 119 2.11 -13.59 -10.72
CA LEU A 119 3.57 -13.60 -10.54
C LEU A 119 4.30 -12.43 -11.18
N THR A 120 3.55 -11.46 -11.71
CA THR A 120 4.20 -10.36 -12.44
C THR A 120 3.92 -8.99 -11.84
N VAL A 121 4.72 -8.03 -12.28
CA VAL A 121 4.36 -6.61 -12.16
C VAL A 121 4.17 -6.11 -13.60
N LYS A 122 3.14 -5.30 -13.84
CA LYS A 122 2.94 -4.73 -15.17
CA LYS A 122 2.94 -4.73 -15.17
C LYS A 122 2.94 -3.21 -15.12
N LEU A 123 3.47 -2.60 -16.17
CA LEU A 123 3.57 -1.14 -16.28
C LEU A 123 2.60 -0.65 -17.36
N TRP A 124 1.72 0.26 -16.98
CA TRP A 124 0.68 0.79 -17.87
C TRP A 124 0.92 2.28 -18.11
N ASN A 125 0.70 2.72 -19.35
CA ASN A 125 0.98 4.12 -19.73
C ASN A 125 -0.30 4.82 -20.14
N TRP A 126 -0.80 5.72 -19.29
CA TRP A 126 -2.07 6.38 -19.59
C TRP A 126 -1.99 7.40 -20.73
N GLU A 127 -0.77 7.74 -21.14
CA GLU A 127 -0.62 8.62 -22.31
C GLU A 127 -0.37 7.81 -23.59
N ASN A 128 -0.54 6.50 -23.48
CA ASN A 128 -0.59 5.60 -24.64
C ASN A 128 -1.83 4.74 -24.55
N ASN A 129 -2.96 5.36 -24.21
CA ASN A 129 -4.24 4.64 -24.12
CA ASN A 129 -4.24 4.67 -24.10
C ASN A 129 -4.18 3.47 -23.14
N TRP A 130 -3.46 3.65 -22.05
CA TRP A 130 -3.31 2.62 -21.02
C TRP A 130 -2.68 1.33 -21.55
N ALA A 131 -1.78 1.46 -22.52
CA ALA A 131 -1.10 0.30 -23.07
C ALA A 131 -0.20 -0.36 -22.03
N LEU A 132 -0.11 -1.68 -22.12
CA LEU A 132 0.90 -2.43 -21.38
C LEU A 132 2.26 -2.15 -22.00
N GLU A 133 3.13 -1.46 -21.27
CA GLU A 133 4.45 -1.10 -21.78
C GLU A 133 5.53 -2.11 -21.40
N GLN A 134 5.36 -2.76 -20.25
CA GLN A 134 6.35 -3.75 -19.81
C GLN A 134 5.74 -4.73 -18.80
N THR A 135 6.19 -5.98 -18.85
CA THR A 135 5.81 -6.96 -17.85
C THR A 135 7.10 -7.44 -17.18
N PHE A 136 7.17 -7.33 -15.87
CA PHE A 136 8.37 -7.70 -15.13
C PHE A 136 8.22 -9.11 -14.57
N GLU A 137 9.01 -10.04 -15.10
CA GLU A 137 8.89 -11.45 -14.74
C GLU A 137 10.12 -11.95 -13.99
N GLY A 138 9.91 -12.89 -13.08
CA GLY A 138 10.99 -13.41 -12.27
C GLY A 138 10.53 -13.90 -10.90
N HIS A 139 9.52 -13.24 -10.33
CA HIS A 139 8.96 -13.70 -9.05
C HIS A 139 8.30 -15.07 -9.23
N GLU A 140 8.18 -15.80 -8.12
CA GLU A 140 7.71 -17.17 -8.17
C GLU A 140 6.49 -17.44 -7.30
N HIS A 141 5.94 -16.37 -6.73
CA HIS A 141 4.69 -16.48 -5.99
C HIS A 141 3.97 -15.14 -6.12
N PHE A 142 2.88 -14.96 -5.39
CA PHE A 142 2.06 -13.76 -5.54
C PHE A 142 2.87 -12.50 -5.26
N VAL A 143 2.77 -11.52 -6.15
CA VAL A 143 3.38 -10.22 -5.89
C VAL A 143 2.42 -9.38 -5.07
N MET A 144 2.81 -9.10 -3.82
CA MET A 144 1.91 -8.52 -2.83
C MET A 144 1.95 -6.99 -2.78
N CYS A 145 3.04 -6.40 -3.24
CA CYS A 145 3.21 -4.97 -3.06
C CYS A 145 4.25 -4.43 -4.03
N VAL A 146 3.93 -3.28 -4.63
CA VAL A 146 4.88 -2.56 -5.50
C VAL A 146 5.01 -1.11 -5.04
N ALA A 147 6.21 -0.55 -5.15
CA ALA A 147 6.47 0.81 -4.70
C ALA A 147 7.59 1.42 -5.52
N PHE A 148 7.36 2.61 -6.10
CA PHE A 148 8.46 3.33 -6.74
C PHE A 148 9.43 3.85 -5.67
N ASN A 149 10.72 3.92 -6.02
CA ASN A 149 11.67 4.63 -5.18
C ASN A 149 11.42 6.12 -5.35
N PRO A 150 10.96 6.80 -4.28
CA PRO A 150 10.62 8.22 -4.46
C PRO A 150 11.84 9.09 -4.77
N LYS A 151 13.03 8.59 -4.48
CA LYS A 151 14.25 9.34 -4.74
C LYS A 151 14.82 9.02 -6.12
N ASP A 152 14.23 8.01 -6.78
CA ASP A 152 14.72 7.51 -8.06
C ASP A 152 13.61 6.67 -8.71
N PRO A 153 12.53 7.35 -9.19
CA PRO A 153 11.34 6.62 -9.65
C PRO A 153 11.48 5.93 -11.01
N SER A 154 12.68 5.96 -11.59
CA SER A 154 12.99 5.08 -12.72
C SER A 154 13.19 3.64 -12.21
N THR A 155 13.19 3.48 -10.88
CA THR A 155 13.33 2.16 -10.26
C THR A 155 12.19 1.94 -9.27
N PHE A 156 11.90 0.66 -9.02
CA PHE A 156 10.84 0.34 -8.06
C PHE A 156 11.10 -1.01 -7.43
N ALA A 157 10.40 -1.30 -6.34
CA ALA A 157 10.57 -2.56 -5.62
C ALA A 157 9.27 -3.34 -5.61
N SER A 158 9.37 -4.67 -5.65
CA SER A 158 8.22 -5.52 -5.49
C SER A 158 8.48 -6.48 -4.35
N GLY A 159 7.49 -6.69 -3.49
CA GLY A 159 7.60 -7.66 -2.40
C GLY A 159 6.70 -8.84 -2.72
N CYS A 160 7.17 -10.05 -2.44
CA CYS A 160 6.53 -11.24 -2.98
C CYS A 160 6.47 -12.37 -1.96
N LEU A 161 5.46 -13.22 -2.07
CA LEU A 161 5.33 -14.36 -1.15
C LEU A 161 6.41 -15.41 -1.38
N ASP A 162 7.20 -15.23 -2.45
CA ASP A 162 8.34 -16.12 -2.71
C ASP A 162 9.55 -15.81 -1.81
N ARG A 163 9.33 -14.93 -0.83
CA ARG A 163 10.32 -14.56 0.19
C ARG A 163 11.40 -13.59 -0.33
N THR A 164 11.14 -12.96 -1.47
CA THR A 164 12.08 -11.99 -2.00
C THR A 164 11.47 -10.60 -2.21
N VAL A 165 12.35 -9.60 -2.21
CA VAL A 165 12.06 -8.31 -2.81
C VAL A 165 12.93 -8.20 -4.06
N LYS A 166 12.34 -7.83 -5.18
CA LYS A 166 13.16 -7.53 -6.36
C LYS A 166 13.09 -6.02 -6.60
N VAL A 167 14.23 -5.44 -6.96
CA VAL A 167 14.27 -4.04 -7.36
C VAL A 167 14.53 -4.02 -8.86
N TRP A 168 13.74 -3.25 -9.58
CA TRP A 168 13.73 -3.27 -11.04
C TRP A 168 13.97 -1.88 -11.59
N SER A 169 14.40 -1.82 -12.85
CA SER A 169 14.53 -0.56 -13.57
C SER A 169 13.55 -0.53 -14.73
N LEU A 170 12.78 0.54 -14.85
CA LEU A 170 11.92 0.67 -16.02
C LEU A 170 12.76 0.54 -17.29
N GLY A 171 12.28 -0.28 -18.21
CA GLY A 171 12.99 -0.47 -19.47
C GLY A 171 14.00 -1.60 -19.46
N GLN A 172 14.14 -2.26 -18.31
CA GLN A 172 15.10 -3.36 -18.18
C GLN A 172 14.35 -4.63 -17.74
N SER A 173 14.65 -5.76 -18.39
CA SER A 173 13.86 -6.97 -18.16
C SER A 173 14.25 -7.78 -16.92
N THR A 174 15.52 -7.69 -16.53
CA THR A 174 15.99 -8.42 -15.36
C THR A 174 16.04 -7.48 -14.18
N PRO A 175 15.82 -8.01 -12.96
CA PRO A 175 15.90 -7.11 -11.80
C PRO A 175 17.31 -6.55 -11.62
N ASN A 176 17.40 -5.37 -11.01
CA ASN A 176 18.69 -4.85 -10.57
C ASN A 176 19.32 -5.83 -9.60
N PHE A 177 18.50 -6.34 -8.69
CA PHE A 177 18.93 -7.34 -7.73
C PHE A 177 17.74 -7.97 -7.04
N THR A 178 17.99 -9.06 -6.34
CA THR A 178 16.97 -9.76 -5.59
C THR A 178 17.45 -9.90 -4.15
N LEU A 179 16.63 -9.48 -3.20
CA LEU A 179 16.93 -9.63 -1.78
C LEU A 179 16.18 -10.83 -1.27
N THR A 180 16.89 -11.82 -0.72
CA THR A 180 16.22 -12.92 -0.05
C THR A 180 15.99 -12.48 1.37
N THR A 181 14.73 -12.32 1.76
CA THR A 181 14.43 -11.63 2.99
C THR A 181 14.72 -12.45 4.25
N GLY A 182 14.72 -13.78 4.11
CA GLY A 182 14.80 -14.65 5.26
C GLY A 182 13.46 -14.63 5.99
N GLN A 183 12.47 -14.00 5.36
CA GLN A 183 11.11 -13.94 5.90
C GLN A 183 10.33 -15.12 5.29
N GLU A 184 10.48 -16.28 5.93
CA GLU A 184 10.14 -17.56 5.29
C GLU A 184 8.66 -17.76 4.99
N ARG A 185 7.84 -16.85 5.49
CA ARG A 185 6.42 -16.86 5.18
C ARG A 185 6.10 -15.87 4.06
N GLY A 186 7.14 -15.26 3.49
CA GLY A 186 6.99 -14.36 2.37
C GLY A 186 6.86 -12.90 2.77
N VAL A 187 6.86 -12.00 1.79
CA VAL A 187 6.76 -10.56 2.05
C VAL A 187 5.39 -10.06 1.63
N ASN A 188 4.69 -9.36 2.55
CA ASN A 188 3.37 -8.77 2.27
C ASN A 188 3.43 -7.34 1.78
N TYR A 189 4.54 -6.67 2.06
CA TYR A 189 4.60 -5.22 1.88
C TYR A 189 6.04 -4.77 1.75
N VAL A 190 6.27 -3.73 0.96
CA VAL A 190 7.58 -3.10 0.86
C VAL A 190 7.38 -1.59 0.76
N ASP A 191 8.26 -0.82 1.41
CA ASP A 191 8.16 0.64 1.42
C ASP A 191 9.55 1.25 1.47
N TYR A 192 9.75 2.38 0.80
CA TYR A 192 11.05 3.08 0.82
C TYR A 192 11.08 4.18 1.86
N TYR A 193 12.23 4.31 2.54
CA TYR A 193 12.46 5.50 3.35
C TYR A 193 12.57 6.68 2.39
N PRO A 194 11.89 7.80 2.71
CA PRO A 194 11.78 8.85 1.68
C PRO A 194 12.92 9.87 1.61
N LEU A 195 13.75 9.94 2.65
CA LEU A 195 14.78 10.98 2.73
C LEU A 195 16.15 10.48 2.25
N PRO A 196 17.01 11.40 1.78
CA PRO A 196 18.25 10.98 1.16
C PRO A 196 19.30 10.45 2.15
N ASP A 197 19.11 10.64 3.45
CA ASP A 197 20.15 10.26 4.42
C ASP A 197 20.32 8.75 4.64
N LYS A 198 19.37 7.94 4.19
CA LYS A 198 19.46 6.48 4.33
C LYS A 198 18.89 5.80 3.10
N PRO A 199 19.65 4.87 2.49
CA PRO A 199 19.15 4.12 1.34
C PRO A 199 18.40 2.88 1.83
N TYR A 200 17.29 3.11 2.52
CA TYR A 200 16.60 2.01 3.19
C TYR A 200 15.24 1.64 2.60
N MET A 201 14.89 0.36 2.69
CA MET A 201 13.52 -0.05 2.44
CA MET A 201 13.55 -0.13 2.39
C MET A 201 13.10 -0.94 3.59
N ILE A 202 11.81 -1.23 3.69
CA ILE A 202 11.29 -1.98 4.82
C ILE A 202 10.26 -3.02 4.32
N THR A 203 10.31 -4.24 4.88
CA THR A 203 9.38 -5.30 4.48
C THR A 203 8.59 -5.81 5.67
N ALA A 204 7.36 -6.26 5.42
CA ALA A 204 6.49 -6.84 6.45
C ALA A 204 6.13 -8.26 6.05
N SER A 205 6.04 -9.17 7.03
CA SER A 205 5.82 -10.59 6.72
C SER A 205 4.81 -11.28 7.63
N ASP A 206 4.20 -12.35 7.12
CA ASP A 206 3.40 -13.26 7.95
C ASP A 206 4.26 -13.89 9.08
N ASP A 207 5.59 -13.82 8.96
CA ASP A 207 6.45 -14.42 10.00
C ASP A 207 6.60 -13.56 11.26
N LEU A 208 5.76 -12.53 11.36
CA LEU A 208 5.69 -11.59 12.50
C LEU A 208 6.73 -10.47 12.47
N THR A 209 7.65 -10.52 11.50
CA THR A 209 8.74 -9.55 11.48
C THR A 209 8.57 -8.45 10.45
N ILE A 210 9.22 -7.33 10.76
CA ILE A 210 9.42 -6.24 9.84
C ILE A 210 10.95 -6.14 9.69
N LYS A 211 11.46 -6.04 8.46
CA LYS A 211 12.91 -5.94 8.29
C LYS A 211 13.31 -4.71 7.52
N ILE A 212 14.40 -4.09 7.95
CA ILE A 212 14.95 -2.90 7.29
C ILE A 212 16.17 -3.30 6.45
N TRP A 213 16.18 -2.87 5.20
CA TRP A 213 17.20 -3.29 4.22
C TRP A 213 17.92 -2.08 3.70
N ASP A 214 19.23 -2.24 3.47
CA ASP A 214 20.01 -1.22 2.78
C ASP A 214 20.09 -1.69 1.33
N TYR A 215 19.54 -0.90 0.40
CA TYR A 215 19.48 -1.33 -0.99
C TYR A 215 20.76 -1.11 -1.78
N GLN A 216 21.73 -0.46 -1.14
CA GLN A 216 23.06 -0.33 -1.74
C GLN A 216 23.94 -1.52 -1.35
N THR A 217 23.99 -1.83 -0.06
CA THR A 217 24.77 -2.97 0.42
C THR A 217 24.01 -4.28 0.23
N LYS A 218 22.71 -4.18 -0.04
CA LYS A 218 21.84 -5.34 -0.23
C LYS A 218 21.86 -6.25 0.99
N SER A 219 21.83 -5.61 2.15
CA SER A 219 21.96 -6.27 3.44
C SER A 219 20.82 -5.90 4.36
N CYS A 220 20.54 -6.77 5.31
CA CYS A 220 19.52 -6.50 6.33
C CYS A 220 20.12 -5.70 7.48
N VAL A 221 19.56 -4.51 7.71
CA VAL A 221 20.02 -3.61 8.75
C VAL A 221 19.44 -4.01 10.11
N ALA A 222 18.17 -4.39 10.12
CA ALA A 222 17.52 -4.71 11.38
C ALA A 222 16.27 -5.56 11.19
N THR A 223 16.01 -6.43 12.17
CA THR A 223 14.76 -7.18 12.21
C THR A 223 13.95 -6.74 13.44
N LEU A 224 12.71 -6.32 13.19
CA LEU A 224 11.85 -5.74 14.22
C LEU A 224 10.64 -6.63 14.43
N GLU A 225 10.57 -7.29 15.59
CA GLU A 225 9.44 -8.17 15.83
C GLU A 225 8.60 -7.63 16.97
N GLY A 226 7.37 -7.21 16.65
CA GLY A 226 6.53 -6.56 17.64
C GLY A 226 5.07 -6.95 17.54
N HIS A 227 4.76 -7.96 16.71
CA HIS A 227 3.36 -8.35 16.49
C HIS A 227 3.14 -9.82 16.82
N MET A 228 1.90 -10.19 17.08
CA MET A 228 1.54 -11.57 17.43
C MET A 228 0.89 -12.34 16.28
N SER A 229 0.59 -11.63 15.19
CA SER A 229 -0.01 -12.25 14.01
CA SER A 229 0.02 -12.28 14.01
C SER A 229 0.57 -11.59 12.77
N ASN A 230 0.17 -12.07 11.59
CA ASN A 230 0.69 -11.57 10.30
C ASN A 230 0.82 -10.06 10.28
N VAL A 231 1.95 -9.55 9.80
CA VAL A 231 2.12 -8.11 9.68
C VAL A 231 1.71 -7.70 8.28
N SER A 232 0.67 -6.88 8.19
CA SER A 232 0.06 -6.52 6.92
C SER A 232 0.87 -5.49 6.15
N PHE A 233 1.53 -4.60 6.88
CA PHE A 233 2.28 -3.51 6.27
C PHE A 233 3.24 -2.92 7.28
N ALA A 234 4.24 -2.21 6.77
CA ALA A 234 5.12 -1.38 7.57
C ALA A 234 5.61 -0.27 6.66
N VAL A 235 5.50 0.97 7.12
CA VAL A 235 5.91 2.11 6.30
C VAL A 235 6.69 3.15 7.11
N PHE A 236 7.57 3.87 6.42
CA PHE A 236 8.21 5.05 6.99
C PHE A 236 7.26 6.24 6.89
N HIS A 237 7.20 7.04 7.94
CA HIS A 237 6.43 8.30 7.90
C HIS A 237 7.24 9.35 7.14
N PRO A 238 6.55 10.19 6.34
CA PRO A 238 7.25 11.20 5.52
C PRO A 238 7.91 12.33 6.32
N THR A 239 7.43 12.64 7.52
CA THR A 239 7.95 13.81 8.24
C THR A 239 8.44 13.54 9.66
N LEU A 240 8.01 12.43 10.26
CA LEU A 240 8.40 12.08 11.62
C LEU A 240 9.34 10.88 11.58
N PRO A 241 10.30 10.82 12.53
CA PRO A 241 11.27 9.72 12.54
C PRO A 241 10.65 8.45 13.12
N ILE A 242 9.66 7.92 12.43
CA ILE A 242 8.92 6.76 12.91
C ILE A 242 8.58 5.79 11.78
N ILE A 243 8.23 4.58 12.18
CA ILE A 243 7.73 3.56 11.27
C ILE A 243 6.36 3.17 11.82
N ILE A 244 5.39 2.93 10.95
CA ILE A 244 4.07 2.49 11.39
C ILE A 244 3.82 1.11 10.82
N SER A 245 3.43 0.17 11.66
CA SER A 245 3.06 -1.15 11.18
C SER A 245 1.66 -1.49 11.66
N GLY A 246 1.06 -2.49 11.02
CA GLY A 246 -0.28 -2.93 11.39
C GLY A 246 -0.40 -4.42 11.14
N SER A 247 -1.28 -5.08 11.88
CA SER A 247 -1.23 -6.53 11.92
C SER A 247 -2.61 -7.15 12.04
N GLU A 248 -2.69 -8.43 11.70
CA GLU A 248 -3.89 -9.20 11.97
C GLU A 248 -4.07 -9.44 13.47
N ASP A 249 -3.11 -8.98 14.28
CA ASP A 249 -3.31 -9.00 15.74
C ASP A 249 -4.17 -7.83 16.21
N GLY A 250 -4.58 -6.97 15.26
CA GLY A 250 -5.51 -5.89 15.54
C GLY A 250 -4.87 -4.58 15.95
N THR A 251 -3.55 -4.57 16.08
CA THR A 251 -2.85 -3.38 16.54
C THR A 251 -2.20 -2.60 15.41
N LEU A 252 -2.05 -1.29 15.65
CA LEU A 252 -1.07 -0.47 14.95
C LEU A 252 0.07 -0.24 15.91
N LYS A 253 1.31 -0.32 15.42
CA LYS A 253 2.45 0.03 16.24
C LYS A 253 3.26 1.14 15.61
N ILE A 254 3.67 2.08 16.44
CA ILE A 254 4.54 3.15 15.97
C ILE A 254 5.92 2.89 16.54
N TRP A 255 6.90 2.73 15.64
CA TRP A 255 8.27 2.39 16.04
C TRP A 255 9.15 3.62 15.91
N ASN A 256 10.09 3.79 16.84
CA ASN A 256 11.13 4.81 16.71
C ASN A 256 12.09 4.36 15.62
N SER A 257 12.30 5.18 14.59
CA SER A 257 13.09 4.74 13.45
C SER A 257 14.61 4.79 13.70
N SER A 258 15.01 5.23 14.88
CA SER A 258 16.41 5.24 15.28
C SER A 258 16.73 4.08 16.22
N THR A 259 15.87 3.89 17.22
CA THR A 259 16.11 2.83 18.21
C THR A 259 15.46 1.49 17.84
N TYR A 260 14.53 1.53 16.88
CA TYR A 260 13.80 0.34 16.43
C TYR A 260 12.95 -0.29 17.53
N LYS A 261 12.55 0.55 18.49
CA LYS A 261 11.64 0.15 19.55
C LYS A 261 10.23 0.64 19.26
N VAL A 262 9.24 -0.13 19.71
CA VAL A 262 7.86 0.34 19.67
C VAL A 262 7.65 1.47 20.69
N GLU A 263 7.15 2.61 20.20
CA GLU A 263 6.88 3.78 21.02
C GLU A 263 5.41 3.91 21.42
N LYS A 264 4.53 3.38 20.60
CA LYS A 264 3.09 3.41 20.89
C LYS A 264 2.43 2.17 20.30
N THR A 265 1.51 1.57 21.05
CA THR A 265 0.67 0.51 20.52
C THR A 265 -0.76 1.01 20.55
N LEU A 266 -1.43 0.98 19.40
CA LEU A 266 -2.77 1.50 19.31
C LEU A 266 -3.76 0.40 18.98
N ASN A 267 -4.82 0.30 19.76
CA ASN A 267 -5.92 -0.57 19.37
C ASN A 267 -7.17 0.25 19.07
N VAL A 268 -7.46 0.42 17.79
CA VAL A 268 -8.56 1.29 17.40
C VAL A 268 -9.89 0.54 17.46
N GLY A 269 -9.84 -0.76 17.74
CA GLY A 269 -11.03 -1.53 18.00
C GLY A 269 -11.86 -1.90 16.78
N LEU A 270 -11.17 -2.08 15.65
CA LEU A 270 -11.82 -2.42 14.38
C LEU A 270 -11.36 -3.78 13.87
N GLU A 271 -10.86 -4.60 14.80
CA GLU A 271 -10.31 -5.93 14.49
CA GLU A 271 -10.31 -5.92 14.48
C GLU A 271 -9.07 -5.86 13.59
N ARG A 272 -8.91 -6.80 12.67
CA ARG A 272 -7.63 -6.93 11.94
C ARG A 272 -7.28 -5.74 11.07
N SER A 273 -6.01 -5.35 11.07
CA SER A 273 -5.54 -4.23 10.24
C SER A 273 -4.99 -4.72 8.91
N TRP A 274 -5.37 -4.08 7.80
CA TRP A 274 -4.97 -4.54 6.47
C TRP A 274 -4.15 -3.57 5.63
N CYS A 275 -4.33 -2.27 5.84
CA CYS A 275 -3.70 -1.31 4.95
C CYS A 275 -3.41 0.01 5.63
N ILE A 276 -2.56 0.81 5.00
CA ILE A 276 -2.03 2.00 5.62
C ILE A 276 -1.83 3.08 4.56
N ALA A 277 -1.91 4.33 4.97
CA ALA A 277 -1.50 5.45 4.13
C ALA A 277 -0.98 6.56 5.05
N THR A 278 -0.12 7.41 4.52
CA THR A 278 0.32 8.60 5.25
C THR A 278 0.10 9.81 4.36
N HIS A 279 -0.27 10.94 4.95
CA HIS A 279 -0.48 12.13 4.16
C HIS A 279 0.86 12.52 3.54
N PRO A 280 0.87 12.71 2.21
CA PRO A 280 2.14 12.78 1.47
C PRO A 280 3.00 14.01 1.77
N THR A 281 2.42 15.06 2.34
CA THR A 281 3.23 16.23 2.69
C THR A 281 3.26 16.43 4.20
N GLY A 282 2.77 15.43 4.92
CA GLY A 282 2.83 15.46 6.37
C GLY A 282 1.85 16.43 7.00
N ARG A 283 0.80 16.80 6.26
CA ARG A 283 -0.24 17.65 6.83
C ARG A 283 -0.80 17.03 8.11
N LYS A 284 -0.68 17.75 9.24
CA LYS A 284 -1.06 17.27 10.57
C LYS A 284 -0.45 15.90 10.92
N ASN A 285 0.61 15.56 10.21
CA ASN A 285 1.23 14.24 10.30
C ASN A 285 0.24 13.10 10.17
N TYR A 286 -0.85 13.36 9.43
CA TYR A 286 -1.94 12.39 9.31
C TYR A 286 -1.49 10.99 8.84
N ILE A 287 -2.06 9.97 9.47
CA ILE A 287 -1.95 8.61 8.96
C ILE A 287 -3.35 8.02 8.96
N ALA A 288 -3.56 6.95 8.19
CA ALA A 288 -4.86 6.29 8.16
C ALA A 288 -4.68 4.81 7.93
N SER A 289 -5.53 4.00 8.56
CA SER A 289 -5.41 2.56 8.40
C SER A 289 -6.79 1.94 8.19
N GLY A 290 -6.85 0.92 7.34
CA GLY A 290 -8.07 0.19 7.05
C GLY A 290 -8.06 -1.15 7.76
N PHE A 291 -9.24 -1.55 8.26
CA PHE A 291 -9.40 -2.74 9.11
C PHE A 291 -10.60 -3.58 8.67
N ASP A 292 -10.77 -4.74 9.29
CA ASP A 292 -12.00 -5.54 9.10
C ASP A 292 -13.27 -4.70 9.22
N ASN A 293 -13.31 -3.81 10.20
CA ASN A 293 -14.58 -3.16 10.56
C ASN A 293 -14.68 -1.67 10.21
N GLY A 294 -13.73 -1.18 9.42
CA GLY A 294 -13.76 0.19 8.96
C GLY A 294 -12.37 0.80 8.88
N PHE A 295 -12.29 2.12 8.98
CA PHE A 295 -10.99 2.78 8.92
C PHE A 295 -10.93 3.89 9.95
N THR A 296 -9.70 4.31 10.25
CA THR A 296 -9.49 5.45 11.13
C THR A 296 -8.43 6.38 10.55
N VAL A 297 -8.62 7.68 10.78
CA VAL A 297 -7.61 8.68 10.43
C VAL A 297 -7.13 9.32 11.72
N LEU A 298 -5.82 9.34 11.91
CA LEU A 298 -5.23 9.86 13.13
C LEU A 298 -4.24 10.98 12.82
N SER A 299 -4.20 11.99 13.68
CA SER A 299 -3.16 13.01 13.59
CA SER A 299 -3.17 13.02 13.61
C SER A 299 -2.10 12.75 14.66
N LEU A 300 -0.84 13.01 14.31
CA LEU A 300 0.26 12.82 15.24
C LEU A 300 0.91 14.19 15.50
N GLY A 301 1.20 14.48 16.76
CA GLY A 301 1.73 15.80 17.11
C GLY A 301 3.12 15.75 17.69
N CYS B 1 -3.44 -25.89 9.62
CA CYS B 1 -3.75 -26.35 8.27
C CYS B 1 -2.54 -26.27 7.34
N THR B 2 -2.45 -27.21 6.41
CA THR B 2 -1.33 -27.27 5.48
C THR B 2 -1.22 -26.01 4.63
N PHE B 3 -2.35 -25.55 4.09
CA PHE B 3 -2.36 -24.34 3.29
C PHE B 3 -3.28 -23.28 3.89
N LYS B 4 -2.83 -22.04 3.85
CA LYS B 4 -3.74 -20.92 4.06
C LYS B 4 -3.50 -19.91 2.93
N THR B 5 -4.22 -20.10 1.82
CA THR B 5 -4.09 -19.18 0.71
C THR B 5 -4.63 -17.80 1.12
N LYS B 6 -4.04 -16.76 0.55
CA LYS B 6 -4.33 -15.38 0.93
C LYS B 6 -5.55 -14.86 0.18
N THR B 7 -6.74 -15.12 0.69
CA THR B 7 -7.95 -14.68 0.01
C THR B 7 -8.70 -13.60 0.80
N ASN B 8 -8.39 -13.47 2.09
CA ASN B 8 -9.07 -12.45 2.90
C ASN B 8 -8.49 -11.04 2.75
S SO4 C . -0.39 12.68 -7.94
O1 SO4 C . 0.12 13.89 -7.29
O2 SO4 C . 0.68 11.71 -8.16
O3 SO4 C . -1.42 12.06 -7.09
O4 SO4 C . -0.92 13.07 -9.23
S SO4 D . 9.56 2.30 -20.79
O1 SO4 D . 10.24 2.17 -22.07
O2 SO4 D . 9.38 0.97 -20.20
O3 SO4 D . 10.34 3.15 -19.90
O4 SO4 D . 8.24 2.90 -21.02
S SO4 E . 21.73 -1.40 -8.37
O1 SO4 E . 22.85 -1.11 -7.49
O2 SO4 E . 20.51 -1.56 -7.58
O3 SO4 E . 21.51 -0.29 -9.29
O4 SO4 E . 21.99 -2.62 -9.12
#